data_5OD9
#
_entry.id   5OD9
#
_cell.length_a   43.820
_cell.length_b   104.959
_cell.length_c   33.604
_cell.angle_alpha   90.00
_cell.angle_beta   90.00
_cell.angle_gamma   90.00
#
_symmetry.space_group_name_H-M   'P 21 21 2'
#
loop_
_entity.id
_entity.type
_entity.pdbx_description
1 polymer MID1sc9
2 non-polymer 'ZINC ION'
3 non-polymer 'CHLORIDE ION'
4 non-polymer 'MAGNESIUM ION'
5 non-polymer 1,2-ETHANEDIOL
6 non-polymer IMIDAZOLE
7 non-polymer '(2~{S})-2-phenylpropanoic acid'
8 water water
#
_entity_poly.entity_id   1
_entity_poly.type   'polypeptide(L)'
_entity_poly.pdbx_seq_one_letter_code
;GSGSPLAQQIKNTLTFIGQANAAGRMDEVRTLQENLHPLWHEYFQQTEGSGGSPLAQQIEYGHVLIHQARAAGRMDEVRR
LSENTLQLMKEYFQQSD
;
_entity_poly.pdbx_strand_id   A,B
#
loop_
_chem_comp.id
_chem_comp.type
_chem_comp.name
_chem_comp.formula
9RW non-polymer '(2~{S})-2-phenylpropanoic acid' 'C9 H10 O2'
CL non-polymer 'CHLORIDE ION' 'Cl -1'
EDO non-polymer 1,2-ETHANEDIOL 'C2 H6 O2'
IMD non-polymer IMIDAZOLE 'C3 H5 N2 1'
MG non-polymer 'MAGNESIUM ION' 'Mg 2'
ZN non-polymer 'ZINC ION' 'Zn 2'
#
# COMPACT_ATOMS: atom_id res chain seq x y z
N GLY A 3 -21.93 -7.61 -3.38
CA GLY A 3 -20.46 -7.64 -3.23
C GLY A 3 -20.09 -7.66 -1.76
N SER A 4 -18.95 -8.15 -1.32
CA SER A 4 -18.52 -8.15 0.04
C SER A 4 -18.41 -6.74 0.57
N PRO A 5 -18.51 -6.60 1.89
CA PRO A 5 -18.37 -5.26 2.45
C PRO A 5 -17.07 -4.59 2.03
N LEU A 6 -15.96 -5.30 1.91
CA LEU A 6 -14.73 -4.64 1.47
C LEU A 6 -14.84 -4.21 0.03
N ALA A 7 -15.50 -4.95 -0.81
CA ALA A 7 -15.78 -4.50 -2.14
C ALA A 7 -16.59 -3.24 -2.18
N GLN A 8 -17.64 -3.14 -1.38
CA GLN A 8 -18.45 -1.93 -1.37
CA GLN A 8 -18.45 -1.94 -1.30
C GLN A 8 -17.63 -0.71 -0.91
N GLN A 9 -16.73 -0.97 0.05
CA GLN A 9 -15.83 0.07 0.54
C GLN A 9 -14.88 0.54 -0.55
N ILE A 10 -14.28 -0.37 -1.26
CA ILE A 10 -13.36 0.03 -2.33
C ILE A 10 -14.09 0.79 -3.43
N LYS A 11 -15.23 0.28 -3.83
CA LYS A 11 -15.92 0.89 -4.96
C LYS A 11 -16.21 2.34 -4.71
N ASN A 12 -16.47 2.69 -3.45
CA ASN A 12 -16.82 4.07 -3.14
C ASN A 12 -15.79 5.11 -3.50
N THR A 13 -14.52 4.75 -3.52
CA THR A 13 -13.45 5.76 -3.73
C THR A 13 -13.01 5.83 -5.19
N LEU A 14 -13.37 4.87 -6.04
CA LEU A 14 -12.77 4.78 -7.37
C LEU A 14 -13.03 5.96 -8.28
N THR A 15 -14.25 6.46 -8.32
CA THR A 15 -14.46 7.61 -9.20
C THR A 15 -13.61 8.81 -8.86
N PHE A 16 -13.48 9.03 -7.56
CA PHE A 16 -12.66 10.15 -7.11
C PHE A 16 -11.20 10.06 -7.45
N ILE A 17 -10.64 8.88 -7.42
CA ILE A 17 -9.27 8.71 -7.88
C ILE A 17 -9.16 9.04 -9.35
N GLY A 18 -10.11 8.62 -10.16
CA GLY A 18 -9.99 8.99 -11.55
C GLY A 18 -10.24 10.42 -11.83
N GLN A 19 -11.10 11.08 -11.14
CA GLN A 19 -11.28 12.53 -11.34
C GLN A 19 -9.99 13.23 -11.02
N ALA A 20 -9.34 12.89 -9.93
CA ALA A 20 -8.08 13.51 -9.59
C ALA A 20 -6.98 13.27 -10.62
N ASN A 21 -6.88 12.03 -11.06
CA ASN A 21 -5.81 11.68 -12.01
C ASN A 21 -6.02 12.38 -13.34
N ALA A 22 -7.23 12.39 -13.85
CA ALA A 22 -7.55 13.04 -15.11
C ALA A 22 -7.23 14.50 -15.13
N ALA A 23 -7.45 15.10 -13.97
CA ALA A 23 -7.22 16.54 -13.75
C ALA A 23 -5.77 16.90 -13.36
N GLY A 24 -4.96 15.87 -13.17
CA GLY A 24 -3.56 16.05 -12.87
C GLY A 24 -3.35 16.54 -11.46
N ARG A 25 -4.30 16.21 -10.59
CA ARG A 25 -4.14 16.53 -9.17
C ARG A 25 -3.40 15.38 -8.51
N MET A 26 -2.07 15.38 -8.75
CA MET A 26 -1.32 14.15 -8.43
C MET A 26 -1.11 13.93 -6.94
N ASP A 27 -1.01 15.00 -6.14
CA ASP A 27 -0.95 14.76 -4.70
C ASP A 27 -2.26 14.19 -4.16
N GLU A 28 -3.40 14.60 -4.66
CA GLU A 28 -4.69 14.01 -4.33
C GLU A 28 -4.78 12.57 -4.81
N VAL A 29 -4.32 12.28 -6.00
CA VAL A 29 -4.32 10.88 -6.44
C VAL A 29 -3.53 10.06 -5.44
N ARG A 30 -2.35 10.52 -5.03
N ARG A 30 -2.34 10.56 -5.07
CA ARG A 30 -1.56 9.73 -4.09
CA ARG A 30 -1.51 9.87 -4.08
C ARG A 30 -2.18 9.60 -2.72
C ARG A 30 -2.29 9.59 -2.80
N THR A 31 -2.84 10.65 -2.24
CA THR A 31 -3.53 10.55 -0.99
C THR A 31 -4.63 9.53 -1.04
N LEU A 32 -5.41 9.55 -2.10
CA LEU A 32 -6.53 8.63 -2.20
C LEU A 32 -6.05 7.23 -2.39
N GLN A 33 -5.03 7.01 -3.21
CA GLN A 33 -4.47 5.66 -3.37
C GLN A 33 -3.95 5.12 -2.04
N GLU A 34 -3.25 5.97 -1.30
CA GLU A 34 -2.63 5.50 -0.07
C GLU A 34 -3.69 5.18 0.98
N ASN A 35 -4.80 5.94 0.98
CA ASN A 35 -5.96 5.59 1.82
C ASN A 35 -6.50 4.22 1.45
N LEU A 36 -6.54 3.91 0.17
CA LEU A 36 -7.05 2.65 -0.37
C LEU A 36 -6.11 1.47 -0.15
N HIS A 37 -4.83 1.72 -0.14
CA HIS A 37 -3.80 0.64 -0.07
C HIS A 37 -4.12 -0.49 0.90
N PRO A 38 -4.32 -0.26 2.20
CA PRO A 38 -4.57 -1.40 3.08
C PRO A 38 -5.87 -2.15 2.77
N LEU A 39 -6.88 -1.43 2.31
N LEU A 39 -6.89 -1.40 2.37
CA LEU A 39 -8.21 -1.98 2.06
CA LEU A 39 -8.21 -1.93 2.01
C LEU A 39 -8.24 -2.77 0.77
C LEU A 39 -8.05 -2.89 0.82
N TRP A 40 -7.58 -2.32 -0.30
CA TRP A 40 -7.39 -3.16 -1.48
C TRP A 40 -6.56 -4.39 -1.17
N HIS A 41 -5.51 -4.27 -0.38
CA HIS A 41 -4.75 -5.48 -0.07
C HIS A 41 -5.51 -6.48 0.78
N GLU A 42 -6.23 -6.02 1.79
CA GLU A 42 -7.05 -6.94 2.56
C GLU A 42 -8.00 -7.70 1.68
N TYR A 43 -8.68 -6.96 0.80
CA TYR A 43 -9.60 -7.56 -0.14
C TYR A 43 -8.88 -8.57 -1.02
N PHE A 44 -7.79 -8.12 -1.65
CA PHE A 44 -7.09 -8.96 -2.62
C PHE A 44 -6.64 -10.25 -1.93
N GLN A 45 -6.10 -10.18 -0.74
CA GLN A 45 -5.70 -11.40 -0.06
C GLN A 45 -6.83 -12.37 0.15
N GLN A 46 -7.97 -11.85 0.57
CA GLN A 46 -9.12 -12.73 0.90
C GLN A 46 -9.78 -13.30 -0.32
N THR A 47 -9.75 -12.57 -1.45
N THR A 47 -9.70 -12.63 -1.48
CA THR A 47 -10.56 -12.85 -2.63
CA THR A 47 -10.54 -13.08 -2.61
C THR A 47 -9.76 -13.47 -3.77
C THR A 47 -9.73 -13.59 -3.77
N GLU A 48 -8.47 -13.21 -3.80
CA GLU A 48 -7.61 -13.61 -4.92
C GLU A 48 -6.42 -14.42 -4.43
N GLY A 49 -5.74 -13.94 -3.37
CA GLY A 49 -4.71 -14.75 -2.73
C GLY A 49 -3.50 -15.01 -3.63
N SER A 50 -3.17 -16.30 -3.74
CA SER A 50 -2.15 -16.81 -4.64
CA SER A 50 -2.16 -16.90 -4.61
C SER A 50 -2.74 -17.45 -5.91
N GLY A 51 -4.02 -17.19 -6.16
CA GLY A 51 -4.69 -17.68 -7.35
C GLY A 51 -5.56 -16.64 -7.98
N GLY A 52 -5.04 -15.43 -8.13
CA GLY A 52 -5.78 -14.35 -8.74
C GLY A 52 -6.09 -14.61 -10.20
N SER A 53 -7.25 -14.12 -10.62
CA SER A 53 -7.60 -14.10 -12.02
C SER A 53 -6.65 -13.21 -12.78
N PRO A 54 -6.47 -13.41 -14.08
CA PRO A 54 -5.60 -12.45 -14.81
C PRO A 54 -6.00 -11.01 -14.64
N LEU A 55 -7.29 -10.70 -14.60
CA LEU A 55 -7.78 -9.32 -14.35
C LEU A 55 -7.36 -8.82 -13.00
N ALA A 56 -7.65 -9.57 -11.94
CA ALA A 56 -7.28 -9.09 -10.61
C ALA A 56 -5.79 -8.91 -10.47
N GLN A 57 -5.07 -9.90 -11.05
CA GLN A 57 -3.63 -9.88 -10.95
C GLN A 57 -3.04 -8.69 -11.70
N GLN A 58 -3.62 -8.35 -12.87
CA GLN A 58 -3.15 -7.17 -13.60
C GLN A 58 -3.41 -5.88 -12.83
N ILE A 59 -4.51 -5.83 -12.10
CA ILE A 59 -4.74 -4.65 -11.26
C ILE A 59 -3.69 -4.57 -10.19
N GLU A 60 -3.43 -5.68 -9.49
CA GLU A 60 -2.45 -5.66 -8.41
C GLU A 60 -1.03 -5.43 -8.92
N TYR A 61 -0.66 -6.01 -10.07
CA TYR A 61 0.63 -5.64 -10.66
C TYR A 61 0.69 -4.16 -11.01
N GLY A 62 -0.39 -3.60 -11.54
CA GLY A 62 -0.40 -2.15 -11.72
C GLY A 62 -0.05 -1.40 -10.45
N HIS A 63 -0.64 -1.81 -9.33
CA HIS A 63 -0.39 -1.20 -8.06
C HIS A 63 1.09 -1.31 -7.65
N VAL A 64 1.65 -2.49 -7.80
CA VAL A 64 3.09 -2.65 -7.54
C VAL A 64 3.87 -1.67 -8.40
N LEU A 65 3.56 -1.58 -9.68
CA LEU A 65 4.31 -0.73 -10.58
C LEU A 65 4.06 0.79 -10.33
N ILE A 66 2.88 1.12 -9.79
CA ILE A 66 2.65 2.49 -9.33
C ILE A 66 3.58 2.84 -8.20
N HIS A 67 3.74 1.95 -7.23
CA HIS A 67 4.67 2.22 -6.18
C HIS A 67 6.07 2.44 -6.73
N GLN A 68 6.46 1.64 -7.69
CA GLN A 68 7.81 1.76 -8.24
C GLN A 68 7.99 3.06 -9.03
N ALA A 69 6.97 3.43 -9.78
CA ALA A 69 7.02 4.69 -10.56
C ALA A 69 7.09 5.88 -9.63
N ARG A 70 6.25 5.83 -8.60
CA ARG A 70 6.19 6.95 -7.66
CA ARG A 70 6.19 6.87 -7.59
C ARG A 70 7.57 7.06 -6.98
N ALA A 71 8.17 5.92 -6.61
CA ALA A 71 9.49 5.99 -5.97
C ALA A 71 10.56 6.60 -6.86
N ALA A 72 10.44 6.29 -8.13
CA ALA A 72 11.37 6.83 -9.10
C ALA A 72 11.07 8.25 -9.54
N GLY A 73 9.95 8.79 -9.14
CA GLY A 73 9.45 10.08 -9.56
C GLY A 73 8.95 10.15 -10.98
N ARG A 74 8.66 8.99 -11.54
CA ARG A 74 8.25 8.86 -12.93
CA ARG A 74 8.28 8.91 -12.94
C ARG A 74 6.77 9.18 -13.09
N MET A 75 6.43 10.47 -13.10
CA MET A 75 5.05 10.82 -12.97
C MET A 75 4.22 10.51 -14.21
N ASP A 76 4.85 10.48 -15.38
CA ASP A 76 4.13 10.07 -16.56
C ASP A 76 3.63 8.63 -16.35
N GLU A 77 4.49 7.76 -15.78
CA GLU A 77 4.06 6.37 -15.58
C GLU A 77 3.12 6.28 -14.43
N VAL A 78 3.30 7.12 -13.39
CA VAL A 78 2.29 7.13 -12.34
C VAL A 78 0.90 7.44 -12.86
N ARG A 79 0.81 8.45 -13.72
CA ARG A 79 -0.49 8.78 -14.28
CA ARG A 79 -0.48 8.83 -14.31
C ARG A 79 -1.01 7.72 -15.20
N ARG A 80 -0.22 7.16 -16.09
CA ARG A 80 -0.70 6.17 -17.06
C ARG A 80 -1.13 4.90 -16.38
N LEU A 81 -0.28 4.40 -15.50
CA LEU A 81 -0.61 3.21 -14.72
C LEU A 81 -1.80 3.43 -13.80
N SER A 82 -1.91 4.61 -13.22
CA SER A 82 -3.07 4.87 -12.36
C SER A 82 -4.37 4.86 -13.15
N GLU A 83 -4.39 5.47 -14.29
CA GLU A 83 -5.58 5.45 -15.17
C GLU A 83 -5.93 4.05 -15.61
N ASN A 84 -4.95 3.29 -16.13
CA ASN A 84 -5.26 1.95 -16.64
C ASN A 84 -5.72 1.05 -15.51
N THR A 85 -5.06 1.13 -14.37
CA THR A 85 -5.36 0.26 -13.21
C THR A 85 -6.73 0.61 -12.66
N LEU A 86 -7.04 1.88 -12.59
CA LEU A 86 -8.37 2.27 -12.15
C LEU A 86 -9.48 1.77 -13.05
N GLN A 87 -9.24 1.88 -14.37
CA GLN A 87 -10.28 1.42 -15.28
C GLN A 87 -10.50 -0.09 -15.12
N LEU A 88 -9.42 -0.87 -14.96
CA LEU A 88 -9.63 -2.29 -14.76
C LEU A 88 -10.28 -2.59 -13.43
N MET A 89 -9.92 -1.83 -12.41
CA MET A 89 -10.53 -2.13 -11.09
CA MET A 89 -10.54 -2.01 -11.13
C MET A 89 -12.04 -1.87 -11.09
N LYS A 90 -12.40 -0.75 -11.80
CA LYS A 90 -13.83 -0.45 -11.84
C LYS A 90 -14.61 -1.58 -12.49
N GLU A 91 -14.02 -2.12 -13.57
CA GLU A 91 -14.68 -3.19 -14.31
C GLU A 91 -14.64 -4.51 -13.49
N TYR A 92 -13.55 -4.77 -12.81
CA TYR A 92 -13.48 -5.96 -11.96
C TYR A 92 -14.57 -5.99 -10.93
N PHE A 93 -14.85 -4.82 -10.35
CA PHE A 93 -15.90 -4.73 -9.35
C PHE A 93 -17.34 -4.65 -9.91
N GLN A 94 -17.55 -4.73 -11.22
CA GLN A 94 -18.80 -4.78 -11.94
C GLN A 94 -19.12 -6.15 -12.52
N GLN A 95 -18.29 -7.17 -12.31
CA GLN A 95 -18.50 -8.40 -13.06
C GLN A 95 -19.77 -9.09 -12.59
N SER A 96 -20.20 -8.76 -11.38
CA SER A 96 -21.43 -9.36 -10.88
C SER A 96 -22.61 -8.52 -11.33
N ASP A 97 -22.28 -7.44 -12.02
CA ASP A 97 -23.38 -6.51 -12.41
C ASP A 97 -24.31 -7.13 -13.43
N SER B 4 10.45 16.94 10.94
CA SER B 4 9.68 16.16 9.97
C SER B 4 8.39 15.63 10.57
N PRO B 5 7.28 16.13 10.04
CA PRO B 5 6.07 15.64 10.68
C PRO B 5 5.84 14.25 10.09
N LEU B 6 6.43 13.93 8.93
CA LEU B 6 6.29 12.56 8.45
C LEU B 6 6.98 11.58 9.40
N ALA B 7 8.17 11.93 9.87
CA ALA B 7 8.92 11.10 10.84
C ALA B 7 8.06 10.87 12.08
N GLN B 8 7.45 11.98 12.51
CA GLN B 8 6.64 11.91 13.71
C GLN B 8 5.40 11.04 13.50
N GLN B 9 4.75 11.17 12.34
N GLN B 9 4.80 11.19 12.32
CA GLN B 9 3.63 10.26 12.15
CA GLN B 9 3.67 10.35 11.95
C GLN B 9 4.09 8.81 12.18
C GLN B 9 4.04 8.87 12.01
N ILE B 10 5.26 8.58 11.57
CA ILE B 10 5.75 7.20 11.61
C ILE B 10 5.95 6.75 13.01
N LYS B 11 6.59 7.63 13.79
CA LYS B 11 6.82 7.23 15.19
C LYS B 11 5.52 6.98 15.92
N ASN B 12 4.56 7.83 15.69
CA ASN B 12 3.25 7.64 16.34
C ASN B 12 2.67 6.27 15.93
N THR B 13 2.75 5.94 14.64
CA THR B 13 2.12 4.71 14.15
C THR B 13 2.83 3.51 14.70
N LEU B 14 4.17 3.58 14.85
CA LEU B 14 4.90 2.50 15.51
C LEU B 14 4.37 2.29 16.93
N THR B 15 4.14 3.38 17.66
CA THR B 15 3.55 3.16 18.97
C THR B 15 2.15 2.57 18.90
N PHE B 16 1.32 3.02 17.96
CA PHE B 16 0.00 2.49 17.82
C PHE B 16 0.05 1.00 17.56
N ILE B 17 0.99 0.56 16.75
CA ILE B 17 1.16 -0.86 16.52
C ILE B 17 1.46 -1.63 17.80
N GLY B 18 2.35 -1.12 18.64
CA GLY B 18 2.69 -1.81 19.90
C GLY B 18 1.52 -1.84 20.82
N GLN B 19 0.68 -0.78 20.83
CA GLN B 19 -0.54 -0.79 21.66
C GLN B 19 -1.55 -1.81 21.18
N ALA B 20 -1.76 -1.92 19.86
CA ALA B 20 -2.71 -2.89 19.31
C ALA B 20 -2.21 -4.29 19.60
N ASN B 21 -0.91 -4.50 19.36
CA ASN B 21 -0.36 -5.84 19.62
C ASN B 21 -0.50 -6.14 21.10
N ALA B 22 -0.27 -5.21 22.02
CA ALA B 22 -0.46 -5.59 23.43
C ALA B 22 -1.90 -6.01 23.72
N ALA B 23 -2.88 -5.44 23.05
CA ALA B 23 -4.28 -5.78 23.25
C ALA B 23 -4.73 -7.01 22.48
N GLY B 24 -3.91 -7.49 21.57
CA GLY B 24 -4.31 -8.57 20.71
C GLY B 24 -5.22 -8.16 19.58
N ARG B 25 -5.23 -6.87 19.27
CA ARG B 25 -6.02 -6.32 18.16
C ARG B 25 -5.24 -6.51 16.87
N MET B 26 -5.14 -7.77 16.39
CA MET B 26 -4.21 -8.10 15.29
C MET B 26 -4.67 -7.62 13.93
N ASP B 27 -6.00 -7.54 13.70
CA ASP B 27 -6.41 -6.90 12.41
C ASP B 27 -5.96 -5.45 12.41
N GLU B 28 -6.03 -4.74 13.56
CA GLU B 28 -5.52 -3.36 13.59
C GLU B 28 -4.03 -3.34 13.41
N VAL B 29 -3.30 -4.23 14.01
CA VAL B 29 -1.85 -4.29 13.78
C VAL B 29 -1.55 -4.38 12.32
N ARG B 30 -2.16 -5.32 11.61
CA ARG B 30 -1.88 -5.50 10.22
C ARG B 30 -2.25 -4.29 9.39
N THR B 31 -3.37 -3.63 9.75
CA THR B 31 -3.80 -2.42 9.08
C THR B 31 -2.81 -1.30 9.27
N LEU B 32 -2.39 -1.09 10.52
CA LEU B 32 -1.44 0.00 10.82
C LEU B 32 -0.09 -0.25 10.13
N GLN B 33 0.35 -1.49 10.07
CA GLN B 33 1.55 -1.83 9.36
CA GLN B 33 1.61 -1.76 9.38
C GLN B 33 1.45 -1.42 7.90
N GLU B 34 0.26 -1.61 7.34
CA GLU B 34 -0.01 -1.22 5.94
C GLU B 34 -0.14 0.28 5.79
N ASN B 35 -0.66 1.01 6.78
CA ASN B 35 -0.62 2.45 6.70
C ASN B 35 0.80 2.96 6.69
N LEU B 36 1.60 2.21 7.41
N LEU B 36 1.69 2.32 7.44
CA LEU B 36 2.99 2.62 7.52
CA LEU B 36 3.10 2.71 7.49
C LEU B 36 3.82 2.44 6.27
C LEU B 36 3.76 2.65 6.10
N HIS B 37 3.40 1.65 5.29
CA HIS B 37 4.08 1.47 4.01
C HIS B 37 4.07 2.75 3.21
N PRO B 38 2.95 3.27 2.74
CA PRO B 38 3.07 4.52 1.98
C PRO B 38 3.70 5.65 2.79
N LEU B 39 3.47 5.66 4.09
N LEU B 39 3.49 5.73 4.11
CA LEU B 39 4.02 6.76 4.88
CA LEU B 39 4.09 6.81 4.91
C LEU B 39 5.55 6.68 4.90
C LEU B 39 5.63 6.72 4.87
N TRP B 40 6.11 5.46 5.04
CA TRP B 40 7.55 5.32 4.87
C TRP B 40 8.04 5.83 3.54
N HIS B 41 7.39 5.39 2.44
CA HIS B 41 7.87 5.84 1.15
C HIS B 41 7.89 7.35 1.04
N GLU B 42 6.90 8.03 1.58
CA GLU B 42 6.81 9.49 1.50
C GLU B 42 7.99 10.06 2.27
N TYR B 43 8.24 9.51 3.45
CA TYR B 43 9.38 9.94 4.25
C TYR B 43 10.68 9.76 3.50
N PHE B 44 10.88 8.57 2.98
CA PHE B 44 12.14 8.26 2.30
C PHE B 44 12.36 9.18 1.07
N GLN B 45 11.29 9.37 0.30
CA GLN B 45 11.34 10.22 -0.90
C GLN B 45 11.58 11.66 -0.48
N GLN B 46 11.34 12.09 0.75
CA GLN B 46 11.65 13.41 1.32
C GLN B 46 13.03 13.55 2.00
N THR B 47 13.74 12.46 2.33
CA THR B 47 14.99 12.54 3.03
C THR B 47 16.14 11.82 2.33
N GLU B 48 15.85 10.73 1.65
CA GLU B 48 16.78 10.01 0.81
C GLU B 48 17.44 10.91 -0.23
N SER B 53 20.82 6.91 4.11
CA SER B 53 21.52 5.95 4.97
C SER B 53 21.27 4.52 4.52
N PRO B 54 22.22 3.63 4.75
CA PRO B 54 21.97 2.25 4.31
C PRO B 54 20.73 1.65 4.95
N LEU B 55 20.49 1.91 6.23
CA LEU B 55 19.34 1.41 6.93
C LEU B 55 18.05 1.89 6.31
N ALA B 56 17.98 3.18 5.95
CA ALA B 56 16.79 3.69 5.26
C ALA B 56 16.53 2.95 3.98
N GLN B 57 17.61 2.71 3.24
CA GLN B 57 17.45 2.01 1.98
C GLN B 57 16.97 0.59 2.19
N GLN B 58 17.44 -0.07 3.26
CA GLN B 58 16.99 -1.43 3.58
C GLN B 58 15.51 -1.43 3.95
N ILE B 59 15.05 -0.41 4.63
CA ILE B 59 13.60 -0.32 4.96
C ILE B 59 12.77 -0.13 3.70
N GLU B 60 13.26 0.76 2.80
CA GLU B 60 12.59 0.96 1.53
C GLU B 60 12.51 -0.36 0.79
N TYR B 61 13.60 -1.10 0.66
CA TYR B 61 13.52 -2.39 0.03
C TYR B 61 12.61 -3.38 0.74
N GLY B 62 12.56 -3.38 2.03
CA GLY B 62 11.68 -4.28 2.73
C GLY B 62 10.24 -4.05 2.31
N HIS B 63 9.78 -2.78 2.20
CA HIS B 63 8.43 -2.51 1.69
C HIS B 63 8.24 -2.97 0.26
N VAL B 64 9.20 -2.75 -0.61
CA VAL B 64 9.14 -3.24 -2.00
C VAL B 64 8.88 -4.75 -2.00
N LEU B 65 9.64 -5.46 -1.20
CA LEU B 65 9.58 -6.91 -1.16
C LEU B 65 8.29 -7.41 -0.49
N ILE B 66 7.81 -6.74 0.54
CA ILE B 66 6.50 -7.07 1.13
C ILE B 66 5.44 -6.97 0.03
N HIS B 67 5.48 -5.88 -0.74
CA HIS B 67 4.44 -5.69 -1.73
C HIS B 67 4.48 -6.79 -2.81
N GLN B 68 5.68 -7.07 -3.31
CA GLN B 68 5.81 -8.15 -4.28
C GLN B 68 5.33 -9.49 -3.69
N ALA B 69 5.66 -9.77 -2.46
CA ALA B 69 5.20 -11.03 -1.88
C ALA B 69 3.69 -11.07 -1.75
N ARG B 70 3.07 -9.93 -1.38
CA ARG B 70 1.62 -9.91 -1.28
C ARG B 70 0.94 -10.13 -2.62
N ALA B 71 1.52 -9.51 -3.66
CA ALA B 71 0.93 -9.61 -5.00
C ALA B 71 0.97 -11.07 -5.48
N ALA B 72 1.96 -11.82 -5.01
CA ALA B 72 2.13 -13.22 -5.35
C ALA B 72 1.33 -14.12 -4.44
N GLY B 73 0.82 -13.64 -3.34
CA GLY B 73 0.15 -14.50 -2.36
C GLY B 73 1.09 -15.23 -1.43
N ARG B 74 2.35 -14.83 -1.35
CA ARG B 74 3.33 -15.45 -0.44
C ARG B 74 3.26 -14.80 0.93
N MET B 75 2.20 -15.24 1.64
CA MET B 75 1.89 -14.61 2.93
C MET B 75 2.91 -14.98 3.93
N ASP B 76 3.58 -16.10 3.78
CA ASP B 76 4.73 -16.44 4.64
C ASP B 76 5.83 -15.40 4.61
N GLU B 77 6.14 -14.97 3.39
CA GLU B 77 7.07 -13.89 3.14
C GLU B 77 6.52 -12.51 3.58
N VAL B 78 5.23 -12.28 3.33
CA VAL B 78 4.67 -11.00 3.86
C VAL B 78 4.93 -10.94 5.36
N ARG B 79 4.62 -12.03 6.07
N ARG B 79 4.66 -12.01 6.10
CA ARG B 79 4.74 -12.10 7.51
CA ARG B 79 4.90 -11.83 7.52
C ARG B 79 6.19 -11.93 7.95
C ARG B 79 6.34 -11.69 7.90
N ARG B 80 7.14 -12.59 7.28
CA ARG B 80 8.54 -12.55 7.63
C ARG B 80 9.14 -11.18 7.37
N LEU B 81 8.92 -10.67 6.17
CA LEU B 81 9.42 -9.36 5.78
C LEU B 81 8.76 -8.24 6.56
N SER B 82 7.48 -8.37 6.88
CA SER B 82 6.87 -7.29 7.67
C SER B 82 7.48 -7.19 9.04
N GLU B 83 7.72 -8.35 9.66
CA GLU B 83 8.32 -8.41 10.99
C GLU B 83 9.71 -7.76 10.94
N ASN B 84 10.49 -8.15 9.94
CA ASN B 84 11.83 -7.61 9.81
C ASN B 84 11.83 -6.11 9.60
N THR B 85 10.95 -5.68 8.68
CA THR B 85 10.90 -4.26 8.30
C THR B 85 10.40 -3.42 9.47
N LEU B 86 9.42 -3.87 10.20
CA LEU B 86 8.98 -3.18 11.38
C LEU B 86 10.14 -2.98 12.37
N GLN B 87 10.89 -4.04 12.62
N GLN B 87 10.88 -4.06 12.57
CA GLN B 87 12.02 -3.88 13.56
CA GLN B 87 12.03 -4.07 13.45
C GLN B 87 13.02 -2.89 13.05
C GLN B 87 13.05 -3.02 13.04
N LEU B 88 13.35 -2.97 11.75
CA LEU B 88 14.29 -2.02 11.19
C LEU B 88 13.80 -0.60 11.37
N MET B 89 12.50 -0.35 11.23
N MET B 89 12.51 -0.35 11.19
CA MET B 89 12.03 1.02 11.40
CA MET B 89 11.97 0.97 11.39
C MET B 89 12.13 1.47 12.85
C MET B 89 12.05 1.46 12.83
N LYS B 90 11.80 0.53 13.76
CA LYS B 90 11.93 0.91 15.16
C LYS B 90 13.37 1.32 15.42
N GLU B 91 14.32 0.55 14.92
CA GLU B 91 15.75 0.81 15.12
C GLU B 91 16.11 2.13 14.46
N TYR B 92 15.61 2.39 13.26
CA TYR B 92 15.94 3.63 12.58
C TYR B 92 15.53 4.84 13.39
N PHE B 93 14.37 4.71 14.00
CA PHE B 93 13.91 5.87 14.79
C PHE B 93 14.44 5.78 16.21
N GLN B 94 15.13 4.74 16.70
CA GLN B 94 15.79 4.67 18.02
C GLN B 94 17.22 5.22 18.06
N GLN B 95 17.80 5.50 16.89
CA GLN B 95 19.20 5.99 16.90
C GLN B 95 19.12 7.34 17.61
ZN ZN C . -0.65 -3.93 -4.18
ZN ZN D . -0.21 1.35 -2.56
CL CL E . -0.95 3.45 -2.65
CL CL F . 6.33 -1.22 -3.08
MG MG G . -18.00 -0.87 -16.48
MG MG H . -19.94 7.06 -2.66
C1 EDO I . -4.80 2.67 -9.49
O1 EDO I . -5.25 4.04 -9.70
C2 EDO I . -5.01 2.39 -8.01
O2 EDO I . -6.41 2.51 -7.71
C1 EDO J . -12.61 -4.50 9.26
O1 EDO J . -12.46 -5.76 8.59
C2 EDO J . -11.38 -4.10 10.08
O2 EDO J . -10.31 -3.67 9.25
N1 IMD K . -4.18 -6.93 5.70
C2 IMD K . -5.14 -6.34 6.44
N3 IMD K . -5.17 -5.03 6.12
C4 IMD K . -4.24 -4.80 5.18
C5 IMD K . -3.65 -5.97 4.95
OE1 9RW L . 0.00 -0.74 -20.13
CD 9RW L . 0.87 -0.97 -19.24
OE2 9RW L . 2.07 -1.12 -19.59
CG 9RW L . 0.41 -1.07 -17.80
C3 9RW L . -1.00 -0.52 -17.61
CB 9RW L . 0.57 -2.28 -17.11
CA 9RW L . -0.10 -2.47 -15.90
C 9RW L . 0.02 -3.64 -15.19
C7 9RW L . 0.81 -4.68 -15.68
C8 9RW L . 1.50 -4.52 -16.90
C9 9RW L . 1.36 -3.33 -17.57
ZN ZN M . 5.52 0.35 -1.74
ZN ZN N . 1.64 -2.29 1.66
CL CL O . 2.23 -4.18 0.56
#